data_3TYE
#
_entry.id   3TYE
#
_cell.length_a   97.329
_cell.length_b   97.329
_cell.length_c   263.829
_cell.angle_alpha   90.000
_cell.angle_beta   90.000
_cell.angle_gamma   120.000
#
_symmetry.space_group_name_H-M   'P 62 2 2'
#
loop_
_entity.id
_entity.type
_entity.pdbx_description
1 polymer 'Dihydropteroate synthase'
2 non-polymer 4-{[(2-amino-4-oxo-3,4,7,8-tetrahydropteridin-6-yl)methyl]amino}-N-(1,3-thiazol-2-yl)benzenesulfonamide
3 non-polymer 'SULFATE ION'
4 non-polymer 2-amino-6-methylidene-6,7-dihydropteridin-4(3H)-one
5 non-polymer 4-amino-N-(1,3-thiazol-2-yl)benzenesulfonamide
6 water water
#
_entity_poly.entity_id   1
_entity_poly.type   'polypeptide(L)'
_entity_poly.pdbx_seq_one_letter_code
;MGSSHHHHHHSSGLVPRGSHMKWDYDLRCGEYTLNLNEKTLIMGILNVTPDSFSDGGSYNEVDAAVRHAKEMRDEGAHII
DIGGESTRPGFAKVSVEEEIKRVVPMIQAVSKEVKLPISIDTYKAEVAKQAIEAGAHIINDIWGAKAEPKIAEVAAHYDV
PIILMHNRDNMNYRNLMADMIADLYDSIKIAKDAGVRDENIILDPGIGFAKTPEQNLEAMRNLEQLNVLGYPVLLGTSRK
SFIGHVLDLPVEERLEGTGATVCLGIEKGCEFVRVHDVKEMSRMAKMMDAMIGKGVK
;
_entity_poly.pdbx_strand_id   A,B
#
loop_
_chem_comp.id
_chem_comp.type
_chem_comp.name
_chem_comp.formula
SO4 non-polymer 'SULFATE ION' 'O4 S -2'
XHP non-polymer 2-amino-6-methylidene-6,7-dihydropteridin-4(3H)-one 'C7 H7 N5 O'
XTZ non-polymer 4-{[(2-amino-4-oxo-3,4,7,8-tetrahydropteridin-6-yl)methyl]amino}-N-(1,3-thiazol-2-yl)benzenesulfonamide 'C16 H16 N8 O3 S2'
YTZ non-polymer 4-amino-N-(1,3-thiazol-2-yl)benzenesulfonamide 'C9 H9 N3 O2 S2'
#
# COMPACT_ATOMS: atom_id res chain seq x y z
N LYS A 22 -29.14 13.45 26.63
CA LYS A 22 -30.38 12.87 26.02
C LYS A 22 -30.26 11.36 25.90
N TRP A 23 -29.20 10.87 25.25
CA TRP A 23 -29.00 9.44 25.15
C TRP A 23 -28.33 9.02 26.46
N ASP A 24 -28.89 8.01 27.13
CA ASP A 24 -28.37 7.56 28.44
C ASP A 24 -27.23 6.52 28.30
N TYR A 25 -26.82 6.29 27.05
CA TYR A 25 -25.73 5.40 26.75
C TYR A 25 -24.82 5.95 25.65
N ASP A 26 -23.58 5.45 25.59
CA ASP A 26 -22.62 5.75 24.51
C ASP A 26 -22.65 4.62 23.49
N LEU A 27 -22.17 4.87 22.29
CA LEU A 27 -22.13 3.80 21.33
C LEU A 27 -20.85 2.99 21.49
N ARG A 28 -20.96 1.94 22.29
CA ARG A 28 -19.82 1.05 22.56
C ARG A 28 -19.49 0.20 21.35
N CYS A 29 -18.35 0.48 20.73
CA CYS A 29 -17.68 -0.60 20.01
C CYS A 29 -16.21 -0.85 20.32
N GLY A 30 -15.94 -2.12 20.69
CA GLY A 30 -14.61 -2.65 20.92
C GLY A 30 -13.68 -1.60 21.46
N GLU A 31 -12.65 -1.27 20.68
CA GLU A 31 -11.65 -0.33 21.14
C GLU A 31 -12.17 1.09 21.34
N TYR A 32 -13.17 1.51 20.56
CA TYR A 32 -13.61 2.89 20.62
C TYR A 32 -15.03 3.10 21.10
N THR A 33 -15.20 4.15 21.89
CA THR A 33 -16.46 4.60 22.40
C THR A 33 -16.87 5.87 21.65
N LEU A 34 -18.07 5.87 21.08
CA LEU A 34 -18.61 7.01 20.35
C LEU A 34 -19.73 7.63 21.16
N ASN A 35 -19.57 8.91 21.48
CA ASN A 35 -20.56 9.60 22.30
C ASN A 35 -21.62 10.29 21.46
N LEU A 36 -22.87 9.97 21.80
CA LEU A 36 -23.99 10.42 21.01
C LEU A 36 -24.53 11.82 21.37
N ASN A 37 -24.03 12.42 22.43
CA ASN A 37 -24.61 13.69 22.86
C ASN A 37 -23.74 14.89 22.56
N GLU A 38 -22.44 14.65 22.40
CA GLU A 38 -21.48 15.74 22.33
C GLU A 38 -21.51 16.44 20.99
N LYS A 39 -21.58 15.67 19.90
CA LYS A 39 -21.55 16.23 18.54
C LYS A 39 -22.19 15.28 17.55
N THR A 40 -22.54 15.81 16.37
CA THR A 40 -22.90 14.98 15.22
C THR A 40 -21.73 14.15 14.67
N LEU A 41 -21.88 12.84 14.61
CA LEU A 41 -20.82 11.94 14.12
C LEU A 41 -20.73 11.89 12.59
N ILE A 42 -19.55 12.18 12.05
CA ILE A 42 -19.32 12.16 10.61
C ILE A 42 -18.90 10.76 10.21
N MET A 43 -19.61 10.14 9.27
CA MET A 43 -19.17 8.86 8.69
C MET A 43 -18.67 9.11 7.26
N GLY A 44 -17.38 8.93 7.03
CA GLY A 44 -16.81 9.21 5.70
C GLY A 44 -16.96 8.04 4.75
N ILE A 45 -17.30 8.32 3.49
CA ILE A 45 -17.55 7.26 2.50
C ILE A 45 -16.28 6.82 1.78
N LEU A 46 -16.05 5.50 1.72
CA LEU A 46 -14.91 4.92 0.97
C LEU A 46 -15.38 3.88 -0.07
N ASN A 47 -15.29 4.26 -1.35
CA ASN A 47 -15.71 3.38 -2.44
C ASN A 47 -14.56 2.60 -3.05
N VAL A 48 -14.84 1.32 -3.24
CA VAL A 48 -13.84 0.31 -3.56
C VAL A 48 -14.37 -0.47 -4.77
N THR A 49 -14.00 -0.03 -5.97
CA THR A 49 -14.50 -0.65 -7.20
C THR A 49 -13.38 -0.60 -8.24
N PRO A 50 -12.89 -1.78 -8.67
CA PRO A 50 -11.77 -1.84 -9.61
C PRO A 50 -12.14 -1.40 -11.03
N GLY A 57 -7.41 -6.85 -4.95
CA GLY A 57 -6.52 -6.82 -3.77
C GLY A 57 -5.10 -6.42 -4.14
N SER A 58 -4.92 -5.86 -5.34
CA SER A 58 -3.62 -5.37 -5.79
C SER A 58 -3.15 -4.25 -4.84
N TYR A 59 -1.86 -3.91 -4.91
CA TYR A 59 -1.30 -2.83 -4.07
C TYR A 59 -1.97 -1.45 -4.29
N ASN A 60 -2.22 -1.13 -5.61
CA ASN A 60 -2.71 0.20 -5.99
C ASN A 60 -4.08 0.50 -5.36
N GLU A 61 -4.98 -0.49 -5.33
CA GLU A 61 -6.32 -0.27 -4.76
C GLU A 61 -6.26 -0.16 -3.22
N VAL A 62 -5.50 -1.06 -2.57
CA VAL A 62 -5.47 -1.05 -1.10
C VAL A 62 -4.74 0.20 -0.59
N ASP A 63 -3.72 0.66 -1.31
CA ASP A 63 -2.97 1.89 -0.95
C ASP A 63 -3.81 3.18 -1.13
N ALA A 64 -4.55 3.25 -2.25
CA ALA A 64 -5.47 4.33 -2.51
C ALA A 64 -6.54 4.39 -1.44
N ALA A 65 -6.99 3.22 -1.00
CA ALA A 65 -8.07 3.19 -0.04
C ALA A 65 -7.53 3.70 1.30
N VAL A 66 -6.34 3.24 1.68
CA VAL A 66 -5.70 3.71 2.91
C VAL A 66 -5.45 5.23 2.90
N ARG A 67 -4.95 5.74 1.78
CA ARG A 67 -4.64 7.17 1.70
C ARG A 67 -5.93 7.99 1.84
N HIS A 68 -6.99 7.54 1.21
CA HIS A 68 -8.28 8.21 1.31
C HIS A 68 -8.81 8.20 2.75
N ALA A 69 -8.69 7.09 3.44
CA ALA A 69 -9.11 7.03 4.83
C ALA A 69 -8.27 7.94 5.73
N LYS A 70 -6.98 8.10 5.45
CA LYS A 70 -6.13 8.97 6.29
C LYS A 70 -6.57 10.41 6.13
N GLU A 71 -6.89 10.75 4.89
CA GLU A 71 -7.33 12.06 4.50
C GLU A 71 -8.61 12.37 5.27
N MET A 72 -9.59 11.49 5.13
CA MET A 72 -10.87 11.63 5.76
C MET A 72 -10.78 11.66 7.28
N ARG A 73 -9.78 10.97 7.84
CA ARG A 73 -9.51 11.04 9.28
C ARG A 73 -9.03 12.44 9.64
N ASP A 74 -8.05 12.93 8.88
CA ASP A 74 -7.47 14.24 9.14
C ASP A 74 -8.47 15.40 9.00
N GLU A 75 -9.59 15.16 8.32
CA GLU A 75 -10.56 16.20 8.04
C GLU A 75 -11.72 16.22 9.01
N GLY A 76 -11.70 15.27 9.94
CA GLY A 76 -12.71 15.16 10.99
C GLY A 76 -13.70 14.01 10.96
N ALA A 77 -13.38 12.93 10.24
CA ALA A 77 -14.27 11.76 10.21
C ALA A 77 -14.19 10.98 11.53
N HIS A 78 -15.34 10.53 12.03
CA HIS A 78 -15.41 9.73 13.25
C HIS A 78 -15.53 8.24 13.00
N ILE A 79 -16.11 7.88 11.86
CA ILE A 79 -16.23 6.49 11.41
C ILE A 79 -15.81 6.45 9.94
N ILE A 80 -15.23 5.33 9.48
CA ILE A 80 -14.96 5.12 8.05
C ILE A 80 -15.85 4.02 7.48
N ASP A 81 -16.53 4.26 6.35
CA ASP A 81 -17.48 3.30 5.73
C ASP A 81 -16.99 2.60 4.44
N ILE A 82 -16.90 1.26 4.48
CA ILE A 82 -16.28 0.49 3.41
C ILE A 82 -17.25 -0.42 2.64
N GLY A 83 -17.65 0.02 1.44
CA GLY A 83 -18.49 -0.78 0.52
C GLY A 83 -18.11 -0.75 -0.97
N GLY A 84 -19.03 -1.18 -1.85
CA GLY A 84 -18.77 -1.28 -3.29
C GLY A 84 -19.90 -1.20 -4.31
N GLU A 85 -19.76 -1.98 -5.39
CA GLU A 85 -20.66 -1.98 -6.58
C GLU A 85 -22.07 -2.57 -6.38
N SER A 86 -22.19 -3.65 -5.59
CA SER A 86 -23.50 -3.99 -5.02
C SER A 86 -23.80 -2.83 -4.07
N THR A 87 -25.06 -2.63 -3.70
CA THR A 87 -25.42 -1.50 -2.82
C THR A 87 -25.28 -0.06 -3.44
N ARG A 88 -24.78 0.05 -4.67
CA ARG A 88 -24.78 1.31 -5.43
C ARG A 88 -25.53 1.13 -6.75
N PRO A 89 -26.39 2.11 -7.14
CA PRO A 89 -27.07 2.06 -8.45
C PRO A 89 -26.17 1.52 -9.57
N GLY A 90 -26.80 0.68 -10.37
CA GLY A 90 -26.17 -0.49 -10.94
C GLY A 90 -26.83 -1.62 -10.16
N PHE A 91 -26.46 -1.76 -8.89
CA PHE A 91 -26.82 -2.90 -8.03
C PHE A 91 -26.55 -4.22 -8.77
N ALA A 92 -25.39 -4.33 -9.43
CA ALA A 92 -24.96 -5.58 -10.06
C ALA A 92 -24.77 -6.63 -8.96
N LYS A 93 -25.42 -7.78 -9.10
CA LYS A 93 -25.37 -8.83 -8.07
C LYS A 93 -24.09 -9.66 -8.15
N VAL A 94 -22.96 -9.00 -7.87
CA VAL A 94 -21.63 -9.62 -7.87
C VAL A 94 -21.54 -10.78 -6.83
N SER A 95 -20.51 -11.60 -6.97
CA SER A 95 -20.43 -12.89 -6.28
C SER A 95 -20.13 -12.85 -4.78
N VAL A 96 -20.62 -13.88 -4.08
CA VAL A 96 -20.43 -14.10 -2.65
C VAL A 96 -18.95 -14.08 -2.24
N GLU A 97 -18.15 -15.00 -2.79
CA GLU A 97 -16.71 -15.09 -2.49
C GLU A 97 -15.93 -13.91 -3.02
N GLU A 98 -16.50 -13.25 -4.03
CA GLU A 98 -15.91 -12.06 -4.65
C GLU A 98 -15.87 -10.85 -3.72
N GLU A 99 -16.99 -10.57 -3.05
CA GLU A 99 -17.07 -9.47 -2.11
C GLU A 99 -16.02 -9.63 -1.01
N ILE A 100 -15.88 -10.84 -0.49
CA ILE A 100 -14.90 -11.14 0.57
C ILE A 100 -13.47 -10.69 0.18
N LYS A 101 -12.93 -11.24 -0.91
CA LYS A 101 -11.52 -10.98 -1.28
C LYS A 101 -11.23 -9.52 -1.68
N ARG A 102 -12.28 -8.74 -1.95
CA ARG A 102 -12.14 -7.32 -2.24
C ARG A 102 -12.12 -6.45 -0.98
N VAL A 103 -13.04 -6.75 -0.06
CA VAL A 103 -13.32 -5.88 1.07
C VAL A 103 -12.44 -6.20 2.31
N VAL A 104 -12.06 -7.47 2.47
CA VAL A 104 -11.32 -7.90 3.65
C VAL A 104 -9.90 -7.28 3.73
N PRO A 105 -9.08 -7.42 2.66
CA PRO A 105 -7.77 -6.75 2.73
C PRO A 105 -7.95 -5.26 3.02
N MET A 106 -8.98 -4.66 2.44
CA MET A 106 -9.27 -3.26 2.69
C MET A 106 -9.40 -2.97 4.17
N ILE A 107 -10.20 -3.78 4.88
CA ILE A 107 -10.45 -3.55 6.30
C ILE A 107 -9.18 -3.70 7.15
N GLN A 108 -8.45 -4.81 6.97
CA GLN A 108 -7.25 -5.09 7.76
C GLN A 108 -6.25 -3.95 7.69
N ALA A 109 -6.02 -3.45 6.47
CA ALA A 109 -5.14 -2.31 6.26
C ALA A 109 -5.68 -1.03 6.93
N VAL A 110 -6.94 -0.68 6.69
CA VAL A 110 -7.46 0.57 7.25
C VAL A 110 -7.48 0.52 8.78
N SER A 111 -7.93 -0.62 9.31
CA SER A 111 -7.95 -0.83 10.75
C SER A 111 -6.61 -0.55 11.42
N LYS A 112 -5.51 -1.00 10.83
CA LYS A 112 -4.19 -0.83 11.47
C LYS A 112 -3.59 0.56 11.30
N GLU A 113 -3.66 1.10 10.09
CA GLU A 113 -3.14 2.44 9.84
C GLU A 113 -4.00 3.56 10.42
N VAL A 114 -5.31 3.34 10.53
CA VAL A 114 -6.24 4.42 10.91
C VAL A 114 -7.08 4.11 12.17
N LYS A 115 -6.83 4.91 13.22
CA LYS A 115 -7.41 4.70 14.54
C LYS A 115 -8.84 5.19 14.64
N LEU A 116 -9.72 4.60 13.84
CA LEU A 116 -11.14 4.90 13.86
C LEU A 116 -12.00 3.65 13.62
N PRO A 117 -13.23 3.65 14.17
CA PRO A 117 -14.09 2.51 13.90
C PRO A 117 -14.51 2.44 12.43
N ILE A 118 -14.79 1.23 11.97
CA ILE A 118 -15.06 0.95 10.58
C ILE A 118 -16.43 0.30 10.48
N SER A 119 -17.18 0.65 9.45
CA SER A 119 -18.38 -0.09 9.13
C SER A 119 -18.23 -0.75 7.77
N ILE A 120 -18.80 -1.95 7.66
CA ILE A 120 -18.84 -2.68 6.41
C ILE A 120 -20.25 -2.60 5.80
N ASP A 121 -20.30 -2.01 4.59
CA ASP A 121 -21.51 -1.76 3.82
C ASP A 121 -21.85 -3.01 3.02
N THR A 122 -22.62 -3.90 3.61
CA THR A 122 -23.04 -5.11 2.90
C THR A 122 -24.41 -5.52 3.35
N TYR A 123 -25.11 -6.25 2.50
CA TYR A 123 -26.40 -6.83 2.85
C TYR A 123 -26.35 -8.33 3.05
N LYS A 124 -25.14 -8.88 3.16
CA LYS A 124 -24.94 -10.35 3.26
C LYS A 124 -24.28 -10.78 4.57
N ALA A 125 -24.82 -11.83 5.20
CA ALA A 125 -24.30 -12.35 6.45
C ALA A 125 -22.87 -12.82 6.23
N GLU A 126 -22.72 -13.72 5.27
CA GLU A 126 -21.43 -14.26 4.86
C GLU A 126 -20.30 -13.24 4.83
N VAL A 127 -20.58 -12.10 4.18
CA VAL A 127 -19.58 -11.07 3.98
C VAL A 127 -19.38 -10.36 5.30
N ALA A 128 -20.49 -9.85 5.84
CA ALA A 128 -20.52 -9.18 7.14
C ALA A 128 -19.68 -9.94 8.17
N LYS A 129 -19.83 -11.26 8.16
CA LYS A 129 -19.10 -12.14 9.05
C LYS A 129 -17.59 -11.94 8.95
N GLN A 130 -17.04 -12.14 7.75
CA GLN A 130 -15.59 -11.95 7.56
C GLN A 130 -15.16 -10.57 8.02
N ALA A 131 -15.96 -9.56 7.67
CA ALA A 131 -15.60 -8.17 7.88
C ALA A 131 -15.25 -7.83 9.32
N ILE A 132 -16.07 -8.27 10.27
CA ILE A 132 -15.78 -8.06 11.70
C ILE A 132 -14.52 -8.80 12.14
N GLU A 133 -14.39 -10.05 11.69
CA GLU A 133 -13.24 -10.90 12.01
C GLU A 133 -11.97 -10.29 11.48
N ALA A 134 -12.06 -9.58 10.34
CA ALA A 134 -10.95 -8.83 9.77
C ALA A 134 -10.79 -7.45 10.43
N GLY A 135 -11.75 -7.09 11.33
CA GLY A 135 -11.57 -5.87 12.12
C GLY A 135 -12.64 -4.81 11.99
N ALA A 136 -13.63 -5.01 11.11
CA ALA A 136 -14.77 -4.06 11.01
C ALA A 136 -15.54 -4.01 12.32
N HIS A 137 -16.17 -2.87 12.63
CA HIS A 137 -16.85 -2.69 13.92
C HIS A 137 -18.36 -2.54 13.84
N ILE A 138 -18.86 -1.98 12.76
CA ILE A 138 -20.25 -1.66 12.69
C ILE A 138 -20.73 -2.32 11.44
N ILE A 139 -21.94 -2.80 11.48
CA ILE A 139 -22.54 -3.31 10.28
C ILE A 139 -23.50 -2.30 9.65
N ASN A 140 -23.39 -2.17 8.33
CA ASN A 140 -24.20 -1.26 7.56
C ASN A 140 -24.98 -1.97 6.45
N ASP A 141 -26.25 -2.23 6.75
CA ASP A 141 -27.08 -3.03 5.87
C ASP A 141 -28.12 -2.18 5.16
N ILE A 142 -27.96 -2.02 3.85
CA ILE A 142 -28.90 -1.23 3.04
C ILE A 142 -30.27 -1.92 2.84
N TRP A 143 -30.41 -3.14 3.37
CA TRP A 143 -31.63 -3.93 3.27
C TRP A 143 -32.24 -4.23 4.62
N GLY A 144 -31.60 -3.72 5.66
CA GLY A 144 -32.13 -3.84 7.02
C GLY A 144 -32.55 -5.24 7.40
N ALA A 145 -31.71 -6.22 7.10
CA ALA A 145 -31.94 -7.64 7.47
C ALA A 145 -33.03 -8.38 6.66
N LYS A 146 -33.63 -7.73 5.66
CA LYS A 146 -34.64 -8.41 4.84
C LYS A 146 -34.04 -9.21 3.68
N ALA A 147 -32.83 -8.87 3.27
CA ALA A 147 -32.10 -9.60 2.24
C ALA A 147 -31.71 -10.99 2.74
N GLU A 148 -30.96 -10.99 3.85
CA GLU A 148 -30.52 -12.19 4.53
C GLU A 148 -30.72 -12.00 6.03
N PRO A 149 -31.84 -12.49 6.61
CA PRO A 149 -32.09 -12.20 8.03
C PRO A 149 -30.99 -12.72 8.95
N LYS A 150 -30.29 -13.75 8.49
CA LYS A 150 -29.09 -14.26 9.13
C LYS A 150 -28.03 -13.18 9.51
N ILE A 151 -27.99 -12.05 8.81
CA ILE A 151 -27.01 -10.97 9.12
C ILE A 151 -27.18 -10.49 10.56
N ALA A 152 -28.43 -10.34 10.97
CA ALA A 152 -28.76 -9.86 12.28
C ALA A 152 -28.29 -10.81 13.37
N GLU A 153 -28.17 -12.09 13.05
CA GLU A 153 -27.56 -13.08 13.96
C GLU A 153 -26.07 -12.88 14.10
N VAL A 154 -25.44 -12.40 13.02
CA VAL A 154 -24.02 -12.14 13.04
C VAL A 154 -23.85 -10.98 14.00
N ALA A 155 -24.62 -9.91 13.77
CA ALA A 155 -24.68 -8.74 14.65
C ALA A 155 -24.77 -9.08 16.13
N ALA A 156 -25.79 -9.86 16.47
CA ALA A 156 -26.02 -10.33 17.83
C ALA A 156 -24.80 -10.94 18.49
N HIS A 157 -24.12 -11.81 17.72
CA HIS A 157 -23.00 -12.68 18.16
C HIS A 157 -21.66 -12.00 18.46
N TYR A 158 -21.32 -10.98 17.68
CA TYR A 158 -20.11 -10.19 17.92
C TYR A 158 -20.43 -8.90 18.68
N ASP A 159 -21.72 -8.57 18.80
CA ASP A 159 -22.17 -7.57 19.75
C ASP A 159 -21.85 -6.18 19.21
N VAL A 160 -22.24 -5.93 17.96
CA VAL A 160 -21.73 -4.80 17.22
C VAL A 160 -22.83 -3.94 16.62
N PRO A 161 -22.66 -2.62 16.68
CA PRO A 161 -23.75 -1.77 16.24
C PRO A 161 -24.13 -2.16 14.83
N ILE A 162 -25.43 -2.20 14.57
CA ILE A 162 -25.91 -2.45 13.23
C ILE A 162 -26.85 -1.34 12.75
N ILE A 163 -26.60 -0.86 11.55
CA ILE A 163 -27.42 0.19 10.96
C ILE A 163 -28.45 -0.50 10.07
N LEU A 164 -29.74 -0.26 10.36
CA LEU A 164 -30.85 -0.73 9.55
C LEU A 164 -31.49 0.40 8.72
N MET A 165 -31.33 0.31 7.40
CA MET A 165 -31.76 1.35 6.47
C MET A 165 -33.13 0.96 5.98
N HIS A 166 -34.01 1.94 5.78
CA HIS A 166 -35.23 1.69 5.05
C HIS A 166 -34.91 1.39 3.61
N ASN A 167 -35.53 0.34 3.07
CA ASN A 167 -35.45 0.01 1.66
C ASN A 167 -36.63 -0.91 1.37
N ARG A 168 -37.00 -1.06 0.10
CA ARG A 168 -37.98 -2.06 -0.31
C ARG A 168 -37.75 -2.35 -1.77
N ASP A 169 -38.39 -3.40 -2.26
CA ASP A 169 -38.20 -3.89 -3.61
C ASP A 169 -39.29 -3.33 -4.53
N ASN A 170 -39.96 -2.29 -4.04
CA ASN A 170 -41.05 -1.64 -4.74
C ASN A 170 -41.12 -0.33 -4.04
N MET A 171 -41.96 0.56 -4.54
CA MET A 171 -42.07 1.88 -3.95
C MET A 171 -43.48 2.37 -4.18
N ASN A 172 -44.43 1.55 -3.75
CA ASN A 172 -45.84 1.83 -3.83
C ASN A 172 -46.30 2.05 -2.41
N TYR A 173 -46.25 3.30 -2.00
CA TYR A 173 -46.55 3.62 -0.65
C TYR A 173 -47.99 3.97 -0.55
N ARG A 174 -48.64 3.47 0.49
CA ARG A 174 -49.93 3.99 0.87
C ARG A 174 -49.67 5.38 1.43
N ASN A 175 -48.68 5.50 2.31
CA ASN A 175 -48.35 6.70 3.03
C ASN A 175 -46.88 6.62 3.42
N LEU A 176 -46.06 7.52 2.90
CA LEU A 176 -44.62 7.36 2.92
C LEU A 176 -44.08 7.21 4.31
N MET A 177 -44.30 8.20 5.16
CA MET A 177 -43.69 8.16 6.48
C MET A 177 -44.19 6.98 7.29
N ALA A 178 -45.50 6.80 7.30
CA ALA A 178 -46.11 5.70 8.03
C ALA A 178 -45.55 4.37 7.57
N ASP A 179 -45.39 4.22 6.25
CA ASP A 179 -44.85 2.99 5.68
C ASP A 179 -43.37 2.86 6.01
N MET A 180 -42.66 3.98 6.11
CA MET A 180 -41.23 3.89 6.38
C MET A 180 -41.02 3.44 7.82
N ILE A 181 -41.76 4.06 8.72
CA ILE A 181 -41.74 3.67 10.13
C ILE A 181 -42.18 2.23 10.33
N ALA A 182 -43.27 1.81 9.66
CA ALA A 182 -43.63 0.39 9.66
C ALA A 182 -42.48 -0.50 9.13
N ASP A 183 -41.87 -0.12 8.01
CA ASP A 183 -40.81 -0.95 7.43
C ASP A 183 -39.64 -1.02 8.34
N LEU A 184 -39.26 0.12 8.89
CA LEU A 184 -38.14 0.17 9.81
C LEU A 184 -38.48 -0.72 10.97
N TYR A 185 -39.70 -0.60 11.52
CA TYR A 185 -40.02 -1.47 12.63
C TYR A 185 -39.95 -2.95 12.26
N ASP A 186 -40.23 -3.29 11.01
CA ASP A 186 -40.10 -4.69 10.60
C ASP A 186 -38.63 -5.12 10.71
N SER A 187 -37.71 -4.18 10.51
CA SER A 187 -36.29 -4.46 10.70
C SER A 187 -35.88 -4.62 12.15
N ILE A 188 -36.33 -3.73 13.03
CA ILE A 188 -36.06 -3.88 14.46
C ILE A 188 -36.44 -5.28 14.93
N LYS A 189 -37.65 -5.69 14.56
CA LYS A 189 -38.19 -6.99 14.93
C LYS A 189 -37.26 -8.15 14.55
N ILE A 190 -36.71 -8.10 13.33
CA ILE A 190 -35.77 -9.12 12.88
C ILE A 190 -34.48 -9.10 13.72
N ALA A 191 -33.94 -7.91 13.99
CA ALA A 191 -32.74 -7.77 14.80
C ALA A 191 -32.97 -8.19 16.25
N LYS A 192 -34.00 -7.65 16.90
CA LYS A 192 -34.24 -7.94 18.32
C LYS A 192 -34.43 -9.42 18.58
N ASP A 193 -35.18 -10.09 17.71
CA ASP A 193 -35.41 -11.53 17.79
C ASP A 193 -34.13 -12.32 17.64
N ALA A 194 -33.16 -11.77 16.91
CA ALA A 194 -31.87 -12.42 16.77
C ALA A 194 -31.03 -12.32 18.05
N GLY A 195 -31.39 -11.39 18.93
CA GLY A 195 -30.63 -11.12 20.14
C GLY A 195 -29.97 -9.74 20.16
N VAL A 196 -30.16 -8.96 19.10
CA VAL A 196 -29.49 -7.66 19.00
C VAL A 196 -30.02 -6.71 20.10
N ARG A 197 -29.12 -6.24 20.98
CA ARG A 197 -29.53 -5.31 22.04
C ARG A 197 -29.89 -3.94 21.46
N ASP A 198 -30.90 -3.30 22.04
CA ASP A 198 -31.38 -2.01 21.57
C ASP A 198 -30.26 -1.05 21.27
N GLU A 199 -29.29 -1.03 22.17
CA GLU A 199 -28.17 -0.08 22.12
C GLU A 199 -27.19 -0.35 21.02
N ASN A 200 -27.43 -1.40 20.25
CA ASN A 200 -26.75 -1.62 19.01
C ASN A 200 -27.56 -1.28 17.78
N ILE A 201 -28.79 -0.84 17.93
CA ILE A 201 -29.55 -0.57 16.75
C ILE A 201 -29.38 0.90 16.42
N ILE A 202 -29.39 1.18 15.12
CA ILE A 202 -29.26 2.52 14.58
C ILE A 202 -30.09 2.45 13.31
N LEU A 203 -30.88 3.48 13.03
CA LEU A 203 -31.76 3.44 11.87
C LEU A 203 -31.36 4.50 10.87
N ASP A 204 -31.84 4.32 9.65
CA ASP A 204 -31.48 5.16 8.54
C ASP A 204 -32.70 5.17 7.68
N PRO A 205 -33.15 6.36 7.26
CA PRO A 205 -34.33 6.55 6.43
C PRO A 205 -34.10 6.14 4.98
N GLY A 206 -32.91 5.68 4.65
CA GLY A 206 -32.69 5.15 3.31
C GLY A 206 -32.95 6.13 2.16
N ILE A 207 -32.44 7.34 2.28
CA ILE A 207 -32.57 8.32 1.21
C ILE A 207 -32.00 7.83 -0.15
N GLY A 208 -32.79 7.98 -1.23
CA GLY A 208 -32.39 7.51 -2.56
C GLY A 208 -32.73 6.08 -2.89
N PHE A 209 -33.41 5.41 -1.96
CA PHE A 209 -33.77 4.00 -2.13
C PHE A 209 -35.27 3.92 -2.18
N ALA A 210 -35.76 3.19 -3.17
CA ALA A 210 -37.20 2.98 -3.40
C ALA A 210 -38.05 4.22 -3.15
N LYS A 211 -37.64 5.34 -3.73
CA LYS A 211 -38.26 6.62 -3.46
C LYS A 211 -38.06 7.52 -4.65
N THR A 212 -39.18 7.92 -5.25
CA THR A 212 -39.20 9.02 -6.22
C THR A 212 -38.44 10.19 -5.65
N PRO A 213 -38.07 11.17 -6.49
CA PRO A 213 -37.34 12.30 -5.93
C PRO A 213 -38.19 13.14 -5.01
N GLU A 214 -39.51 13.14 -5.24
CA GLU A 214 -40.44 13.89 -4.40
C GLU A 214 -40.57 13.18 -3.06
N GLN A 215 -40.76 11.87 -3.09
CA GLN A 215 -40.72 11.10 -1.86
C GLN A 215 -39.43 11.34 -1.05
N ASN A 216 -38.27 11.39 -1.72
CA ASN A 216 -37.00 11.74 -1.04
C ASN A 216 -37.07 13.06 -0.27
N LEU A 217 -37.64 14.10 -0.90
CA LEU A 217 -37.87 15.40 -0.26
C LEU A 217 -38.84 15.33 0.91
N GLU A 218 -39.99 14.68 0.73
CA GLU A 218 -40.90 14.43 1.85
C GLU A 218 -40.20 13.75 3.07
N ALA A 219 -39.36 12.77 2.79
CA ALA A 219 -38.73 12.03 3.87
C ALA A 219 -37.83 13.00 4.64
N MET A 220 -37.02 13.78 3.93
CA MET A 220 -36.25 14.84 4.59
C MET A 220 -37.12 15.79 5.39
N ARG A 221 -38.26 16.22 4.84
CA ARG A 221 -39.13 17.16 5.47
C ARG A 221 -39.72 16.60 6.77
N ASN A 222 -39.83 15.27 6.87
CA ASN A 222 -40.46 14.64 8.02
C ASN A 222 -39.52 13.71 8.79
N LEU A 223 -38.22 13.92 8.60
CA LEU A 223 -37.22 13.11 9.26
C LEU A 223 -37.39 13.00 10.76
N GLU A 224 -37.84 14.06 11.41
CA GLU A 224 -38.07 13.99 12.86
C GLU A 224 -39.04 12.91 13.28
N GLN A 225 -39.94 12.46 12.40
CA GLN A 225 -40.77 11.32 12.78
C GLN A 225 -40.01 10.02 13.14
N LEU A 226 -38.79 9.81 12.64
CA LEU A 226 -38.15 8.53 12.91
C LEU A 226 -37.73 8.41 14.37
N ASN A 227 -37.57 9.59 15.00
CA ASN A 227 -37.22 9.72 16.41
C ASN A 227 -38.14 9.10 17.41
N VAL A 228 -39.42 8.91 17.06
CA VAL A 228 -40.35 8.31 18.03
C VAL A 228 -39.99 6.84 18.28
N LEU A 229 -39.24 6.26 17.35
CA LEU A 229 -38.85 4.86 17.53
C LEU A 229 -37.81 4.65 18.63
N GLY A 230 -37.08 5.69 19.02
CA GLY A 230 -36.19 5.63 20.19
C GLY A 230 -34.76 5.13 19.96
N TYR A 231 -34.31 5.16 18.70
CA TYR A 231 -32.96 4.73 18.29
C TYR A 231 -32.24 5.83 17.54
N PRO A 232 -30.91 5.87 17.68
CA PRO A 232 -30.21 6.85 16.92
C PRO A 232 -30.49 6.70 15.43
N VAL A 233 -30.42 7.83 14.72
CA VAL A 233 -30.64 7.86 13.29
C VAL A 233 -29.38 8.30 12.51
N LEU A 234 -29.06 7.60 11.41
CA LEU A 234 -27.99 8.03 10.54
C LEU A 234 -28.58 8.49 9.21
N LEU A 235 -28.05 9.57 8.63
CA LEU A 235 -28.58 10.06 7.36
C LEU A 235 -27.55 9.92 6.23
N GLY A 236 -27.99 9.34 5.12
CA GLY A 236 -27.09 9.19 3.98
C GLY A 236 -27.61 9.88 2.73
N THR A 237 -27.30 11.15 2.55
CA THR A 237 -27.79 11.88 1.37
C THR A 237 -26.68 12.42 0.46
N SER A 238 -25.43 12.08 0.74
CA SER A 238 -24.32 12.71 0.05
C SER A 238 -24.43 12.62 -1.46
N ARG A 239 -24.39 13.79 -2.11
CA ARG A 239 -24.31 13.88 -3.58
C ARG A 239 -25.39 13.06 -4.34
N LYS A 240 -26.46 12.66 -3.64
CA LYS A 240 -27.47 11.82 -4.22
C LYS A 240 -28.28 12.54 -5.31
N SER A 241 -28.95 11.79 -6.17
CA SER A 241 -29.55 12.41 -7.33
C SER A 241 -30.79 13.30 -7.04
N PHE A 242 -31.49 13.08 -5.93
CA PHE A 242 -32.59 14.00 -5.68
C PHE A 242 -32.09 15.42 -5.45
N ILE A 243 -30.84 15.55 -5.03
CA ILE A 243 -30.18 16.84 -4.89
C ILE A 243 -29.97 17.38 -6.28
N GLY A 244 -29.56 16.50 -7.19
CA GLY A 244 -29.44 16.82 -8.58
C GLY A 244 -30.75 17.24 -9.20
N HIS A 245 -31.83 16.55 -8.84
CA HIS A 245 -33.14 16.83 -9.43
C HIS A 245 -33.60 18.27 -9.11
N VAL A 246 -33.33 18.69 -7.89
CA VAL A 246 -33.73 20.02 -7.44
C VAL A 246 -32.86 21.10 -8.04
N LEU A 247 -31.54 20.88 -8.01
CA LEU A 247 -30.61 21.96 -8.34
C LEU A 247 -30.27 22.02 -9.81
N ASP A 248 -30.68 20.99 -10.54
CA ASP A 248 -30.25 20.71 -11.91
C ASP A 248 -28.72 20.81 -12.02
N LEU A 249 -28.03 19.85 -11.42
CA LEU A 249 -26.58 19.84 -11.30
C LEU A 249 -26.07 18.38 -11.25
N PRO A 250 -24.96 18.10 -11.96
CA PRO A 250 -24.35 16.75 -11.91
C PRO A 250 -23.69 16.44 -10.57
N VAL A 251 -23.32 15.18 -10.38
CA VAL A 251 -22.75 14.70 -9.10
C VAL A 251 -21.62 15.57 -8.49
N GLU A 252 -20.75 16.11 -9.33
CA GLU A 252 -19.58 16.83 -8.84
C GLU A 252 -19.89 18.26 -8.36
N GLU A 253 -21.10 18.75 -8.63
CA GLU A 253 -21.52 20.08 -8.16
C GLU A 253 -22.62 20.00 -7.09
N ARG A 254 -22.56 18.95 -6.26
CA ARG A 254 -23.66 18.66 -5.32
C ARG A 254 -23.29 18.89 -3.88
N LEU A 255 -22.13 19.47 -3.65
CA LEU A 255 -21.62 19.69 -2.32
C LEU A 255 -22.49 20.65 -1.49
N GLU A 256 -22.92 21.78 -2.08
CA GLU A 256 -23.76 22.73 -1.34
C GLU A 256 -25.10 22.15 -1.06
N GLY A 257 -25.66 21.42 -2.00
CA GLY A 257 -26.96 20.80 -1.83
C GLY A 257 -26.87 19.67 -0.83
N THR A 258 -25.74 18.96 -0.79
CA THR A 258 -25.53 17.93 0.25
C THR A 258 -25.52 18.60 1.63
N GLY A 259 -24.81 19.72 1.71
CA GLY A 259 -24.79 20.54 2.91
C GLY A 259 -26.17 20.87 3.41
N ALA A 260 -27.05 21.38 2.55
CA ALA A 260 -28.39 21.69 3.06
C ALA A 260 -29.08 20.44 3.67
N THR A 261 -28.91 19.27 3.07
CA THR A 261 -29.56 18.05 3.58
C THR A 261 -28.99 17.64 4.96
N VAL A 262 -27.66 17.77 5.12
CA VAL A 262 -26.97 17.52 6.42
C VAL A 262 -27.43 18.48 7.49
N CYS A 263 -27.59 19.75 7.17
CA CYS A 263 -28.09 20.69 8.15
C CYS A 263 -29.51 20.38 8.59
N LEU A 264 -30.40 20.07 7.65
CA LEU A 264 -31.79 19.84 8.05
C LEU A 264 -31.82 18.60 8.92
N GLY A 265 -31.05 17.61 8.53
CA GLY A 265 -31.00 16.36 9.24
C GLY A 265 -30.57 16.52 10.67
N ILE A 266 -29.57 17.35 10.90
CA ILE A 266 -29.06 17.51 12.26
C ILE A 266 -30.10 18.23 13.04
N GLU A 267 -30.73 19.22 12.42
CA GLU A 267 -31.71 19.98 13.11
C GLU A 267 -32.89 19.09 13.41
N LYS A 268 -33.19 18.17 12.53
CA LYS A 268 -34.32 17.29 12.80
C LYS A 268 -33.93 16.06 13.59
N GLY A 269 -32.70 16.05 14.13
CA GLY A 269 -32.36 15.09 15.15
C GLY A 269 -31.45 13.91 14.83
N CYS A 270 -30.75 13.92 13.70
CA CYS A 270 -29.90 12.78 13.37
CA CYS A 270 -29.92 12.76 13.41
C CYS A 270 -28.57 12.78 14.14
N GLU A 271 -28.10 11.58 14.45
CA GLU A 271 -26.89 11.42 15.21
C GLU A 271 -25.62 11.25 14.38
N PHE A 272 -25.77 10.78 13.14
CA PHE A 272 -24.66 10.43 12.27
C PHE A 272 -25.02 10.99 10.91
N VAL A 273 -24.02 11.40 10.13
CA VAL A 273 -24.26 11.68 8.71
C VAL A 273 -23.21 10.99 7.86
N ARG A 274 -23.61 10.37 6.76
CA ARG A 274 -22.70 9.64 5.87
C ARG A 274 -22.32 10.52 4.72
N VAL A 275 -21.06 10.88 4.62
CA VAL A 275 -20.72 11.85 3.60
C VAL A 275 -19.44 11.54 2.81
N HIS A 276 -19.34 12.08 1.59
CA HIS A 276 -18.09 12.04 0.79
C HIS A 276 -17.18 13.19 1.20
N ASP A 277 -17.74 14.40 1.32
CA ASP A 277 -16.90 15.58 1.55
C ASP A 277 -16.74 15.80 3.05
N VAL A 278 -15.79 15.10 3.66
CA VAL A 278 -15.63 15.06 5.12
C VAL A 278 -15.28 16.43 5.64
N LYS A 279 -14.35 17.10 5.01
CA LYS A 279 -13.97 18.45 5.41
C LYS A 279 -15.14 19.44 5.50
N GLU A 280 -15.85 19.65 4.39
CA GLU A 280 -16.90 20.66 4.34
C GLU A 280 -18.03 20.31 5.30
N MET A 281 -18.47 19.06 5.31
CA MET A 281 -19.62 18.61 6.11
C MET A 281 -19.37 18.68 7.61
N SER A 282 -18.12 18.43 7.93
CA SER A 282 -17.66 18.46 9.29
C SER A 282 -17.74 19.85 9.90
N ARG A 283 -17.44 20.88 9.09
CA ARG A 283 -17.58 22.25 9.52
C ARG A 283 -19.03 22.62 9.69
N MET A 284 -19.87 22.28 8.70
CA MET A 284 -21.31 22.53 8.80
C MET A 284 -21.94 21.87 9.99
N ALA A 285 -21.60 20.59 10.24
CA ALA A 285 -22.15 19.85 11.36
C ALA A 285 -21.76 20.51 12.70
N LYS A 286 -20.51 20.96 12.80
CA LYS A 286 -20.03 21.58 14.02
C LYS A 286 -20.68 22.95 14.29
N MET A 287 -20.98 23.69 13.22
CA MET A 287 -21.76 24.93 13.35
C MET A 287 -23.25 24.64 13.66
N MET A 288 -23.83 23.61 13.06
CA MET A 288 -25.19 23.21 13.42
C MET A 288 -25.25 22.84 14.90
N ASP A 289 -24.31 22.00 15.34
CA ASP A 289 -24.31 21.54 16.74
C ASP A 289 -24.32 22.74 17.67
N ALA A 290 -23.50 23.75 17.38
CA ALA A 290 -23.40 24.90 18.28
C ALA A 290 -24.70 25.68 18.30
N MET A 291 -25.33 25.81 17.15
CA MET A 291 -26.58 26.55 17.07
C MET A 291 -27.71 25.80 17.75
N ILE A 292 -27.86 24.52 17.47
CA ILE A 292 -29.00 23.85 18.05
C ILE A 292 -28.84 23.56 19.54
N GLY A 293 -27.59 23.57 20.06
CA GLY A 293 -27.36 23.39 21.48
C GLY A 293 -26.79 22.02 21.85
N LYS A 294 -26.53 21.20 20.82
CA LYS A 294 -25.85 19.91 20.99
C LYS A 294 -24.41 20.06 21.58
N LYS B 22 38.88 12.32 -9.94
CA LYS B 22 39.47 11.14 -10.68
C LYS B 22 38.57 10.61 -11.81
N TRP B 23 37.32 10.23 -11.53
CA TRP B 23 36.44 9.84 -12.62
C TRP B 23 35.99 11.07 -13.33
N ASP B 24 35.98 11.03 -14.65
CA ASP B 24 35.69 12.23 -15.41
C ASP B 24 34.28 12.21 -16.06
N TYR B 25 33.43 11.32 -15.55
CA TYR B 25 32.04 11.22 -15.97
C TYR B 25 31.17 10.87 -14.77
N ASP B 26 29.86 11.13 -14.84
CA ASP B 26 28.88 10.69 -13.82
C ASP B 26 28.07 9.48 -14.31
N LEU B 27 27.57 8.66 -13.40
CA LEU B 27 26.59 7.65 -13.80
C LEU B 27 25.29 8.34 -14.13
N ARG B 28 24.87 8.22 -15.39
CA ARG B 28 23.64 8.81 -15.89
C ARG B 28 22.53 7.76 -15.77
N CYS B 29 21.56 7.99 -14.90
CA CYS B 29 20.53 6.97 -14.62
C CYS B 29 19.13 7.44 -14.97
N GLY B 30 19.00 8.26 -16.00
CA GLY B 30 17.70 8.84 -16.35
C GLY B 30 17.49 10.12 -15.56
N GLU B 31 16.48 10.13 -14.69
CA GLU B 31 16.24 11.29 -13.82
C GLU B 31 17.34 11.45 -12.78
N TYR B 32 18.06 10.38 -12.48
CA TYR B 32 19.11 10.48 -11.46
C TYR B 32 20.54 10.40 -12.02
N THR B 33 21.43 11.08 -11.33
CA THR B 33 22.83 11.19 -11.71
C THR B 33 23.64 10.89 -10.49
N LEU B 34 24.55 9.94 -10.62
CA LEU B 34 25.34 9.54 -9.46
C LEU B 34 26.79 9.95 -9.65
N ASN B 35 27.29 10.67 -8.65
CA ASN B 35 28.63 11.16 -8.70
C ASN B 35 29.57 10.14 -8.10
N LEU B 36 30.56 9.76 -8.90
CA LEU B 36 31.56 8.79 -8.48
C LEU B 36 32.69 9.43 -7.71
N ASN B 37 32.75 10.74 -7.57
CA ASN B 37 33.88 11.33 -6.87
C ASN B 37 33.63 11.81 -5.44
N GLU B 38 32.39 12.14 -5.07
CA GLU B 38 32.18 12.67 -3.71
C GLU B 38 32.21 11.66 -2.53
N LYS B 39 31.91 10.38 -2.77
CA LYS B 39 31.67 9.44 -1.70
C LYS B 39 31.36 8.05 -2.19
N THR B 40 31.60 7.06 -1.36
CA THR B 40 31.14 5.71 -1.66
C THR B 40 29.61 5.68 -1.74
N LEU B 41 29.10 5.12 -2.83
CA LEU B 41 27.67 5.01 -3.05
C LEU B 41 27.08 3.72 -2.42
N ILE B 42 25.99 3.86 -1.67
CA ILE B 42 25.42 2.75 -0.94
C ILE B 42 24.28 2.15 -1.74
N MET B 43 24.35 0.87 -2.03
CA MET B 43 23.24 0.19 -2.69
C MET B 43 22.56 -0.72 -1.67
N GLY B 44 21.41 -0.30 -1.16
CA GLY B 44 20.69 -1.03 -0.13
C GLY B 44 19.92 -2.21 -0.70
N ILE B 45 19.94 -3.34 0.01
CA ILE B 45 19.30 -4.56 -0.45
C ILE B 45 17.85 -4.71 -0.03
N LEU B 46 16.97 -4.89 -1.03
CA LEU B 46 15.54 -5.10 -0.80
C LEU B 46 15.17 -6.53 -1.22
N ASN B 47 14.83 -7.35 -0.23
CA ASN B 47 14.59 -8.80 -0.38
C ASN B 47 13.64 -9.34 -1.50
N VAL B 48 12.34 -9.00 -1.40
CA VAL B 48 11.19 -9.55 -2.18
C VAL B 48 10.22 -10.43 -1.35
N GLY B 56 1.56 -13.06 -4.99
CA GLY B 56 2.25 -12.54 -6.19
C GLY B 56 2.61 -11.04 -6.19
N GLY B 57 1.61 -10.18 -5.98
CA GLY B 57 1.79 -8.72 -5.86
C GLY B 57 0.78 -8.12 -4.88
N SER B 58 0.31 -8.97 -3.96
CA SER B 58 -0.55 -8.60 -2.83
C SER B 58 -0.11 -7.35 -2.06
N TYR B 59 -1.09 -6.58 -1.56
CA TYR B 59 -0.83 -5.35 -0.80
C TYR B 59 0.22 -5.54 0.29
N ASN B 60 0.15 -6.69 0.97
CA ASN B 60 1.01 -7.01 2.09
C ASN B 60 2.49 -6.91 1.74
N GLU B 61 2.91 -7.54 0.65
CA GLU B 61 4.33 -7.54 0.33
C GLU B 61 4.88 -6.23 -0.25
N VAL B 62 4.09 -5.58 -1.13
CA VAL B 62 4.52 -4.33 -1.79
C VAL B 62 4.61 -3.21 -0.77
N ASP B 63 3.69 -3.20 0.19
CA ASP B 63 3.73 -2.21 1.24
C ASP B 63 5.00 -2.35 2.08
N ALA B 64 5.22 -3.56 2.60
CA ALA B 64 6.45 -3.89 3.36
C ALA B 64 7.70 -3.50 2.58
N ALA B 65 7.64 -3.70 1.27
CA ALA B 65 8.74 -3.41 0.36
C ALA B 65 8.97 -1.90 0.19
N VAL B 66 7.87 -1.16 0.00
CA VAL B 66 7.94 0.29 -0.04
C VAL B 66 8.49 0.84 1.28
N ARG B 67 8.02 0.32 2.42
CA ARG B 67 8.44 0.83 3.73
CA ARG B 67 8.45 0.85 3.72
C ARG B 67 9.93 0.63 3.96
N HIS B 68 10.45 -0.51 3.53
CA HIS B 68 11.84 -0.81 3.81
C HIS B 68 12.68 0.06 2.89
N ALA B 69 12.23 0.23 1.65
CA ALA B 69 12.91 1.14 0.72
C ALA B 69 12.95 2.57 1.24
N LYS B 70 11.95 2.95 2.04
CA LYS B 70 11.86 4.32 2.56
C LYS B 70 12.84 4.51 3.66
N GLU B 71 12.87 3.55 4.56
CA GLU B 71 13.80 3.55 5.65
C GLU B 71 15.24 3.50 5.09
N MET B 72 15.49 2.69 4.07
CA MET B 72 16.85 2.60 3.54
C MET B 72 17.26 3.93 2.93
N ARG B 73 16.35 4.56 2.21
CA ARG B 73 16.55 5.92 1.72
C ARG B 73 16.94 6.82 2.88
N ASP B 74 16.16 6.73 3.95
CA ASP B 74 16.37 7.58 5.09
C ASP B 74 17.65 7.28 5.85
N GLU B 75 18.19 6.09 5.66
CA GLU B 75 19.37 5.65 6.39
C GLU B 75 20.68 6.01 5.70
N GLY B 76 20.58 6.44 4.44
CA GLY B 76 21.72 6.96 3.69
C GLY B 76 22.02 6.23 2.38
N ALA B 77 21.03 5.46 1.93
CA ALA B 77 21.16 4.64 0.73
C ALA B 77 21.15 5.51 -0.51
N HIS B 78 21.84 5.05 -1.56
CA HIS B 78 21.94 5.83 -2.79
C HIS B 78 21.24 5.21 -3.95
N ILE B 79 21.04 3.89 -3.83
CA ILE B 79 20.39 3.07 -4.84
C ILE B 79 19.57 1.99 -4.10
N ILE B 80 18.43 1.62 -4.64
CA ILE B 80 17.70 0.49 -4.12
C ILE B 80 17.87 -0.68 -5.11
N ASP B 81 18.31 -1.83 -4.61
CA ASP B 81 18.51 -3.06 -5.41
C ASP B 81 17.37 -4.08 -5.15
N ILE B 82 16.71 -4.50 -6.24
CA ILE B 82 15.48 -5.31 -6.14
C ILE B 82 15.63 -6.64 -6.86
N GLY B 83 15.50 -7.73 -6.10
CA GLY B 83 15.78 -9.05 -6.62
C GLY B 83 14.69 -10.07 -6.36
N GLY B 84 14.67 -11.10 -7.20
CA GLY B 84 13.79 -12.24 -6.99
C GLY B 84 14.58 -13.41 -6.41
N GLU B 85 13.86 -14.49 -6.12
CA GLU B 85 14.44 -15.73 -5.58
C GLU B 85 15.75 -16.07 -6.26
N SER B 86 15.71 -16.32 -7.57
CA SER B 86 16.90 -16.64 -8.36
C SER B 86 17.86 -15.45 -8.36
N THR B 87 19.15 -15.77 -8.36
CA THR B 87 20.28 -14.83 -8.10
C THR B 87 20.64 -14.84 -6.61
N SER B 95 12.45 -19.33 -13.83
CA SER B 95 11.06 -19.24 -14.34
C SER B 95 10.64 -17.81 -14.68
N VAL B 96 10.83 -17.46 -15.95
CA VAL B 96 10.71 -16.08 -16.46
C VAL B 96 9.36 -15.43 -16.15
N GLU B 97 8.29 -16.02 -16.66
CA GLU B 97 6.96 -15.47 -16.50
C GLU B 97 6.62 -15.14 -15.04
N GLU B 98 7.24 -15.87 -14.11
CA GLU B 98 6.88 -15.81 -12.70
C GLU B 98 7.63 -14.70 -11.93
N GLU B 99 8.89 -14.46 -12.30
CA GLU B 99 9.72 -13.46 -11.61
C GLU B 99 9.25 -12.04 -11.95
N ILE B 100 8.88 -11.86 -13.22
CA ILE B 100 8.29 -10.61 -13.71
C ILE B 100 7.07 -10.17 -12.88
N LYS B 101 6.10 -11.08 -12.67
CA LYS B 101 4.94 -10.83 -11.79
C LYS B 101 5.37 -10.39 -10.38
N ARG B 102 6.49 -10.93 -9.91
CA ARG B 102 6.94 -10.67 -8.55
C ARG B 102 7.59 -9.30 -8.43
N VAL B 103 8.33 -8.89 -9.47
CA VAL B 103 9.23 -7.74 -9.38
C VAL B 103 8.65 -6.43 -9.95
N VAL B 104 7.93 -6.53 -11.07
CA VAL B 104 7.41 -5.37 -11.82
C VAL B 104 6.44 -4.49 -10.99
N PRO B 105 5.53 -5.11 -10.19
CA PRO B 105 4.70 -4.27 -9.32
C PRO B 105 5.50 -3.56 -8.22
N MET B 106 6.63 -4.13 -7.84
CA MET B 106 7.47 -3.54 -6.80
C MET B 106 8.35 -2.42 -7.32
N ILE B 107 8.80 -2.56 -8.57
CA ILE B 107 9.46 -1.47 -9.27
C ILE B 107 8.54 -0.25 -9.46
N GLN B 108 7.33 -0.47 -9.95
CA GLN B 108 6.36 0.62 -10.10
C GLN B 108 6.19 1.40 -8.81
N ALA B 109 5.84 0.66 -7.75
CA ALA B 109 5.54 1.29 -6.46
C ALA B 109 6.75 1.91 -5.79
N VAL B 110 7.94 1.35 -5.96
CA VAL B 110 9.09 1.89 -5.26
C VAL B 110 9.66 3.10 -5.99
N SER B 111 9.67 3.06 -7.32
CA SER B 111 10.05 4.22 -8.11
C SER B 111 9.10 5.38 -7.94
N LYS B 112 7.82 5.07 -7.74
CA LYS B 112 6.79 6.08 -7.60
C LYS B 112 6.93 6.86 -6.28
N GLU B 113 7.38 6.18 -5.24
CA GLU B 113 7.34 6.76 -3.92
C GLU B 113 8.71 6.94 -3.29
N VAL B 114 9.76 6.42 -3.93
CA VAL B 114 11.15 6.60 -3.46
C VAL B 114 12.13 7.15 -4.52
N LYS B 115 12.50 8.43 -4.33
CA LYS B 115 13.34 9.16 -5.27
C LYS B 115 14.80 8.77 -5.21
N LEU B 116 15.11 7.58 -5.72
CA LEU B 116 16.46 7.07 -5.77
C LEU B 116 16.51 6.11 -6.95
N PRO B 117 17.70 5.94 -7.57
CA PRO B 117 17.77 5.02 -8.69
C PRO B 117 17.52 3.60 -8.21
N ILE B 118 17.03 2.76 -9.11
CA ILE B 118 16.74 1.38 -8.77
C ILE B 118 17.45 0.43 -9.72
N SER B 119 18.05 -0.62 -9.18
CA SER B 119 18.60 -1.67 -10.03
C SER B 119 17.77 -2.93 -9.98
N ILE B 120 17.66 -3.57 -11.14
CA ILE B 120 17.05 -4.88 -11.18
C ILE B 120 18.09 -6.01 -11.15
N ASP B 121 18.10 -6.74 -10.06
CA ASP B 121 18.95 -7.88 -9.91
C ASP B 121 18.38 -9.03 -10.73
N THR B 122 18.61 -9.01 -12.04
CA THR B 122 18.27 -10.20 -12.80
C THR B 122 19.52 -10.76 -13.49
N TYR B 123 19.32 -11.70 -14.41
CA TYR B 123 20.36 -12.20 -15.31
C TYR B 123 19.72 -12.67 -16.60
N LYS B 124 18.42 -12.48 -16.67
CA LYS B 124 17.61 -12.96 -17.78
C LYS B 124 17.26 -11.74 -18.60
N ALA B 125 17.31 -11.89 -19.92
CA ALA B 125 17.07 -10.77 -20.84
C ALA B 125 15.65 -10.18 -20.72
N GLU B 126 14.62 -10.99 -20.94
CA GLU B 126 13.25 -10.47 -20.89
C GLU B 126 12.80 -9.92 -19.53
N VAL B 127 13.32 -10.49 -18.44
CA VAL B 127 13.07 -9.95 -17.09
C VAL B 127 13.66 -8.53 -16.98
N ALA B 128 14.85 -8.32 -17.54
CA ALA B 128 15.49 -7.00 -17.53
C ALA B 128 14.67 -5.94 -18.25
N LYS B 129 14.27 -6.23 -19.49
CA LYS B 129 13.48 -5.32 -20.32
C LYS B 129 12.23 -4.79 -19.62
N GLN B 130 11.46 -5.68 -18.99
CA GLN B 130 10.20 -5.26 -18.31
C GLN B 130 10.52 -4.41 -17.09
N ALA B 131 11.56 -4.84 -16.35
CA ALA B 131 12.01 -4.16 -15.15
C ALA B 131 12.32 -2.70 -15.45
N ILE B 132 12.89 -2.46 -16.62
CA ILE B 132 13.24 -1.11 -17.05
C ILE B 132 11.99 -0.36 -17.47
N GLU B 133 11.12 -1.04 -18.20
CA GLU B 133 9.84 -0.50 -18.60
C GLU B 133 9.07 -0.04 -17.36
N ALA B 134 8.99 -0.92 -16.36
CA ALA B 134 8.40 -0.58 -15.08
C ALA B 134 9.16 0.52 -14.30
N GLY B 135 10.27 1.02 -14.81
CA GLY B 135 10.96 2.16 -14.19
C GLY B 135 12.29 1.91 -13.46
N ALA B 136 12.97 0.82 -13.78
CA ALA B 136 14.27 0.55 -13.16
C ALA B 136 15.34 1.22 -14.02
N HIS B 137 16.45 1.57 -13.40
CA HIS B 137 17.48 2.38 -14.08
C HIS B 137 18.80 1.69 -14.33
N ILE B 138 19.13 0.73 -13.48
CA ILE B 138 20.40 0.02 -13.51
C ILE B 138 20.09 -1.47 -13.63
N ILE B 139 20.81 -2.16 -14.50
CA ILE B 139 20.70 -3.61 -14.59
C ILE B 139 21.83 -4.19 -13.77
N ASN B 140 21.50 -5.14 -12.90
CA ASN B 140 22.47 -5.76 -12.03
C ASN B 140 22.55 -7.25 -12.25
N ASP B 141 23.62 -7.70 -12.90
CA ASP B 141 23.69 -9.03 -13.46
C ASP B 141 24.82 -9.85 -12.84
N ILE B 142 24.40 -10.85 -12.07
CA ILE B 142 25.32 -11.72 -11.42
C ILE B 142 25.98 -12.75 -12.37
N TRP B 143 25.58 -12.74 -13.64
CA TRP B 143 26.27 -13.53 -14.66
C TRP B 143 26.91 -12.63 -15.72
N GLY B 144 26.68 -11.33 -15.60
CA GLY B 144 27.31 -10.38 -16.51
C GLY B 144 27.30 -10.84 -17.95
N ALA B 145 26.10 -11.08 -18.49
CA ALA B 145 25.88 -11.33 -19.91
C ALA B 145 26.31 -12.72 -20.38
N LYS B 146 26.79 -13.53 -19.45
CA LYS B 146 27.17 -14.90 -19.77
C LYS B 146 25.97 -15.85 -19.70
N ALA B 147 25.02 -15.56 -18.80
CA ALA B 147 23.79 -16.33 -18.66
C ALA B 147 22.92 -16.12 -19.89
N GLU B 148 22.59 -14.88 -20.17
CA GLU B 148 21.91 -14.56 -21.40
C GLU B 148 22.54 -13.33 -22.01
N PRO B 149 23.25 -13.51 -23.14
CA PRO B 149 23.96 -12.40 -23.76
C PRO B 149 23.01 -11.31 -24.25
N LYS B 150 21.84 -11.71 -24.73
CA LYS B 150 20.81 -10.79 -25.23
C LYS B 150 20.41 -9.71 -24.18
N ILE B 151 20.69 -9.99 -22.90
CA ILE B 151 20.49 -9.03 -21.81
C ILE B 151 21.29 -7.76 -22.03
N ALA B 152 22.43 -7.91 -22.70
CA ALA B 152 23.33 -6.79 -22.94
C ALA B 152 22.78 -5.87 -23.99
N GLU B 153 22.10 -6.46 -24.98
CA GLU B 153 21.44 -5.73 -26.05
C GLU B 153 20.30 -4.90 -25.50
N VAL B 154 19.72 -5.38 -24.39
CA VAL B 154 18.68 -4.67 -23.64
C VAL B 154 19.28 -3.44 -22.94
N ALA B 155 20.38 -3.64 -22.23
CA ALA B 155 21.11 -2.59 -21.55
C ALA B 155 21.51 -1.44 -22.47
N ALA B 156 21.85 -1.78 -23.70
CA ALA B 156 22.30 -0.81 -24.68
C ALA B 156 21.12 -0.09 -25.29
N HIS B 157 20.13 -0.85 -25.74
CA HIS B 157 18.86 -0.32 -26.29
C HIS B 157 18.21 0.79 -25.42
N TYR B 158 18.14 0.58 -24.11
CA TYR B 158 17.62 1.58 -23.19
C TYR B 158 18.70 2.49 -22.60
N ASP B 159 19.96 2.10 -22.80
CA ASP B 159 21.10 2.98 -22.54
C ASP B 159 21.31 3.20 -21.05
N VAL B 160 21.27 2.12 -20.28
CA VAL B 160 21.36 2.22 -18.83
C VAL B 160 22.63 1.55 -18.30
N PRO B 161 23.01 1.87 -17.05
CA PRO B 161 24.22 1.26 -16.52
C PRO B 161 23.98 -0.19 -16.19
N ILE B 162 24.99 -1.03 -16.43
CA ILE B 162 24.89 -2.46 -16.11
C ILE B 162 26.05 -2.97 -15.24
N ILE B 163 25.74 -3.64 -14.14
CA ILE B 163 26.81 -4.19 -13.31
C ILE B 163 27.10 -5.58 -13.85
N LEU B 164 28.35 -5.83 -14.23
CA LEU B 164 28.76 -7.19 -14.64
C LEU B 164 29.53 -7.87 -13.51
N MET B 165 28.95 -8.89 -12.89
CA MET B 165 29.57 -9.48 -11.71
C MET B 165 30.41 -10.64 -12.15
N HIS B 166 31.54 -10.89 -11.48
CA HIS B 166 32.32 -12.05 -11.82
C HIS B 166 31.56 -13.27 -11.32
N ASN B 167 31.28 -14.16 -12.27
CA ASN B 167 30.81 -15.51 -11.95
C ASN B 167 31.36 -16.51 -12.96
N ARG B 168 31.21 -17.79 -12.63
CA ARG B 168 31.63 -18.90 -13.49
C ARG B 168 31.11 -20.20 -12.91
N ASP B 169 31.26 -21.28 -13.65
CA ASP B 169 30.61 -22.51 -13.27
C ASP B 169 31.42 -23.33 -12.26
N ASN B 170 32.72 -23.06 -12.13
CA ASN B 170 33.60 -23.92 -11.32
C ASN B 170 34.42 -23.13 -10.32
N MET B 171 35.25 -23.81 -9.52
CA MET B 171 36.09 -23.13 -8.52
C MET B 171 37.57 -23.49 -8.62
N ASN B 172 37.96 -23.95 -9.81
CA ASN B 172 39.35 -24.24 -10.14
C ASN B 172 40.03 -23.12 -10.89
N TYR B 173 40.95 -22.47 -10.19
CA TYR B 173 41.56 -21.29 -10.70
C TYR B 173 43.05 -21.56 -10.78
N ARG B 174 43.65 -21.06 -11.87
CA ARG B 174 45.09 -21.07 -12.06
C ARG B 174 45.73 -19.96 -11.23
N ASN B 175 45.10 -18.79 -11.25
CA ASN B 175 45.49 -17.68 -10.40
C ASN B 175 44.24 -16.84 -10.27
N LEU B 176 43.65 -16.89 -9.06
CA LEU B 176 42.35 -16.31 -8.76
C LEU B 176 42.16 -14.95 -9.43
N MET B 177 42.98 -13.99 -9.06
CA MET B 177 42.73 -12.60 -9.48
C MET B 177 42.89 -12.47 -10.96
N ALA B 178 43.92 -13.10 -11.50
CA ALA B 178 44.20 -12.99 -12.90
C ALA B 178 43.04 -13.62 -13.66
N ASP B 179 42.49 -14.68 -13.09
CA ASP B 179 41.43 -15.44 -13.74
C ASP B 179 40.12 -14.67 -13.66
N MET B 180 39.94 -13.95 -12.56
CA MET B 180 38.76 -13.13 -12.38
C MET B 180 38.71 -12.01 -13.39
N ILE B 181 39.86 -11.35 -13.58
CA ILE B 181 40.01 -10.23 -14.51
C ILE B 181 39.75 -10.71 -15.93
N ALA B 182 40.36 -11.84 -16.26
CA ALA B 182 40.15 -12.46 -17.54
C ALA B 182 38.64 -12.70 -17.77
N ASP B 183 37.98 -13.30 -16.78
CA ASP B 183 36.54 -13.59 -16.82
C ASP B 183 35.75 -12.29 -17.01
N LEU B 184 36.13 -11.27 -16.24
CA LEU B 184 35.49 -9.97 -16.33
C LEU B 184 35.64 -9.36 -17.73
N TYR B 185 36.83 -9.44 -18.29
CA TYR B 185 37.01 -9.02 -19.66
C TYR B 185 36.10 -9.74 -20.62
N ASP B 186 35.92 -11.04 -20.39
CA ASP B 186 35.00 -11.83 -21.21
C ASP B 186 33.54 -11.34 -21.09
N SER B 187 33.20 -10.70 -19.99
CA SER B 187 31.88 -10.08 -19.87
C SER B 187 31.88 -8.72 -20.59
N ILE B 188 32.93 -7.93 -20.38
CA ILE B 188 33.02 -6.59 -20.97
C ILE B 188 32.93 -6.59 -22.51
N LYS B 189 33.51 -7.61 -23.15
CA LYS B 189 33.52 -7.70 -24.60
C LYS B 189 32.13 -8.01 -25.16
N ILE B 190 31.33 -8.77 -24.41
CA ILE B 190 29.95 -9.04 -24.82
C ILE B 190 29.13 -7.77 -24.67
N ALA B 191 29.19 -7.19 -23.47
CA ALA B 191 28.58 -5.90 -23.20
C ALA B 191 28.90 -4.95 -24.34
N LYS B 192 30.19 -4.72 -24.56
CA LYS B 192 30.64 -3.68 -25.48
C LYS B 192 30.28 -3.93 -26.95
N ASP B 193 30.30 -5.20 -27.36
CA ASP B 193 29.86 -5.60 -28.70
C ASP B 193 28.36 -5.39 -28.89
N ALA B 194 27.59 -5.56 -27.82
CA ALA B 194 26.14 -5.40 -27.88
C ALA B 194 25.72 -3.95 -28.14
N GLY B 195 26.67 -3.03 -27.96
CA GLY B 195 26.40 -1.60 -28.09
C GLY B 195 26.58 -0.86 -26.78
N VAL B 196 26.78 -1.56 -25.67
CA VAL B 196 26.95 -0.89 -24.37
C VAL B 196 28.19 -0.01 -24.38
N ARG B 197 28.05 1.25 -23.97
CA ARG B 197 29.19 2.14 -23.88
C ARG B 197 29.88 2.02 -22.53
N ASP B 198 31.17 2.33 -22.52
CA ASP B 198 32.04 2.16 -21.34
C ASP B 198 31.53 2.82 -20.08
N GLU B 199 30.99 4.02 -20.25
CA GLU B 199 30.54 4.84 -19.14
C GLU B 199 29.42 4.12 -18.36
N ASN B 200 28.74 3.21 -19.06
CA ASN B 200 27.66 2.40 -18.52
C ASN B 200 28.06 1.02 -18.02
N ILE B 201 29.36 0.75 -17.92
CA ILE B 201 29.79 -0.52 -17.40
C ILE B 201 30.26 -0.40 -15.97
N ILE B 202 29.79 -1.30 -15.11
CA ILE B 202 30.26 -1.42 -13.76
C ILE B 202 30.67 -2.86 -13.46
N LEU B 203 31.78 -3.05 -12.73
CA LEU B 203 32.27 -4.37 -12.48
C LEU B 203 32.09 -4.73 -11.04
N ASP B 204 31.93 -6.05 -10.78
CA ASP B 204 31.79 -6.62 -9.44
C ASP B 204 32.63 -7.89 -9.32
N PRO B 205 33.46 -8.02 -8.25
CA PRO B 205 34.29 -9.23 -8.02
C PRO B 205 33.48 -10.49 -7.69
N GLY B 206 32.25 -10.30 -7.23
CA GLY B 206 31.36 -11.42 -6.97
C GLY B 206 31.79 -12.21 -5.76
N ILE B 207 31.96 -11.53 -4.64
CA ILE B 207 32.28 -12.21 -3.40
C ILE B 207 31.18 -13.21 -3.05
N GLY B 208 31.60 -14.44 -2.71
CA GLY B 208 30.66 -15.48 -2.33
C GLY B 208 30.15 -16.28 -3.52
N PHE B 209 30.64 -15.95 -4.71
CA PHE B 209 30.26 -16.71 -5.89
C PHE B 209 31.44 -17.48 -6.41
N ALA B 210 31.19 -18.71 -6.83
CA ALA B 210 32.18 -19.56 -7.46
C ALA B 210 33.55 -19.53 -6.77
N LYS B 211 33.53 -19.33 -5.45
CA LYS B 211 34.73 -19.14 -4.65
C LYS B 211 34.64 -19.83 -3.27
N THR B 212 35.80 -20.18 -2.75
CA THR B 212 35.98 -20.78 -1.45
C THR B 212 35.93 -19.70 -0.41
N PRO B 213 35.63 -20.07 0.83
CA PRO B 213 35.94 -19.14 1.91
C PRO B 213 37.34 -18.47 1.76
N GLU B 214 38.37 -19.25 1.51
CA GLU B 214 39.70 -18.69 1.46
C GLU B 214 39.90 -17.80 0.22
N GLN B 215 39.28 -18.17 -0.91
CA GLN B 215 39.41 -17.39 -2.12
C GLN B 215 38.66 -16.07 -2.03
N ASN B 216 37.53 -16.09 -1.31
CA ASN B 216 36.79 -14.85 -1.08
C ASN B 216 37.67 -13.89 -0.30
N LEU B 217 38.33 -14.41 0.73
CA LEU B 217 39.33 -13.67 1.49
C LEU B 217 40.43 -13.14 0.60
N GLU B 218 40.96 -14.04 -0.25
CA GLU B 218 42.07 -13.70 -1.15
C GLU B 218 41.62 -12.61 -2.11
N ALA B 219 40.39 -12.72 -2.58
CA ALA B 219 39.86 -11.79 -3.54
C ALA B 219 39.74 -10.44 -2.87
N MET B 220 39.26 -10.41 -1.62
CA MET B 220 39.25 -9.17 -0.81
C MET B 220 40.62 -8.52 -0.76
N ARG B 221 41.62 -9.33 -0.42
CA ARG B 221 42.99 -8.91 -0.12
C ARG B 221 43.64 -8.27 -1.33
N ASN B 222 43.17 -8.65 -2.51
CA ASN B 222 43.74 -8.19 -3.75
C ASN B 222 42.77 -7.39 -4.59
N LEU B 223 41.74 -6.83 -3.94
CA LEU B 223 40.70 -6.08 -4.65
C LEU B 223 41.21 -4.99 -5.54
N GLU B 224 42.24 -4.28 -5.09
CA GLU B 224 42.78 -3.12 -5.82
C GLU B 224 43.26 -3.45 -7.22
N GLN B 225 43.49 -4.74 -7.49
CA GLN B 225 43.88 -5.17 -8.83
C GLN B 225 42.74 -5.01 -9.84
N LEU B 226 41.49 -5.06 -9.39
CA LEU B 226 40.39 -4.81 -10.32
C LEU B 226 40.45 -3.41 -10.94
N ASN B 227 40.95 -2.42 -10.22
CA ASN B 227 41.02 -1.04 -10.78
C ASN B 227 41.80 -0.82 -12.06
N VAL B 228 42.57 -1.82 -12.53
CA VAL B 228 43.35 -1.60 -13.75
C VAL B 228 42.47 -1.76 -14.97
N LEU B 229 41.34 -2.43 -14.83
CA LEU B 229 40.46 -2.53 -16.00
C LEU B 229 39.85 -1.18 -16.37
N GLY B 230 39.86 -0.23 -15.44
CA GLY B 230 39.37 1.12 -15.69
C GLY B 230 37.89 1.49 -15.45
N TYR B 231 37.12 0.65 -14.77
CA TYR B 231 35.69 0.94 -14.56
C TYR B 231 35.35 1.00 -13.10
N PRO B 232 34.19 1.59 -12.76
CA PRO B 232 33.72 1.58 -11.38
C PRO B 232 33.55 0.17 -10.85
N VAL B 233 33.92 -0.04 -9.60
CA VAL B 233 33.71 -1.34 -8.99
C VAL B 233 32.67 -1.27 -7.88
N LEU B 234 31.74 -2.23 -7.88
CA LEU B 234 30.74 -2.41 -6.82
C LEU B 234 31.07 -3.67 -6.03
N LEU B 235 31.03 -3.53 -4.71
CA LEU B 235 31.40 -4.63 -3.85
C LEU B 235 30.23 -5.17 -3.05
N GLY B 236 30.01 -6.47 -3.16
CA GLY B 236 28.91 -7.11 -2.46
C GLY B 236 29.28 -8.17 -1.45
N THR B 237 29.52 -7.76 -0.21
CA THR B 237 29.94 -8.72 0.83
C THR B 237 28.95 -8.97 1.98
N SER B 238 27.87 -8.20 2.06
CA SER B 238 27.01 -8.12 3.27
C SER B 238 26.47 -9.46 3.72
N ARG B 239 26.80 -9.80 4.97
CA ARG B 239 26.22 -10.91 5.74
C ARG B 239 26.55 -12.31 5.24
N LYS B 240 27.44 -12.37 4.27
CA LYS B 240 27.81 -13.62 3.61
C LYS B 240 28.61 -14.61 4.43
N SER B 241 28.50 -15.87 4.05
CA SER B 241 29.03 -16.95 4.85
C SER B 241 30.52 -16.89 5.07
N PHE B 242 31.28 -16.27 4.17
CA PHE B 242 32.72 -16.24 4.40
C PHE B 242 33.00 -15.40 5.63
N ILE B 243 32.13 -14.43 5.91
CA ILE B 243 32.19 -13.70 7.18
C ILE B 243 31.84 -14.65 8.34
N GLY B 244 30.87 -15.53 8.13
CA GLY B 244 30.53 -16.51 9.15
C GLY B 244 31.64 -17.51 9.42
N HIS B 245 32.38 -17.89 8.37
CA HIS B 245 33.42 -18.87 8.54
C HIS B 245 34.57 -18.30 9.32
N VAL B 246 34.84 -17.03 9.12
CA VAL B 246 35.95 -16.42 9.82
C VAL B 246 35.58 -16.19 11.30
N LEU B 247 34.37 -15.70 11.51
CA LEU B 247 33.96 -15.25 12.84
C LEU B 247 33.24 -16.28 13.65
N ASP B 248 32.86 -17.39 13.01
CA ASP B 248 31.94 -18.39 13.57
C ASP B 248 30.65 -17.77 14.11
N LEU B 249 29.85 -17.21 13.20
CA LEU B 249 28.68 -16.43 13.56
C LEU B 249 27.57 -16.51 12.48
N PRO B 250 26.31 -16.81 12.88
CA PRO B 250 25.18 -16.90 11.92
C PRO B 250 24.88 -15.54 11.25
N VAL B 251 23.97 -15.52 10.28
CA VAL B 251 23.70 -14.29 9.51
C VAL B 251 23.36 -13.04 10.35
N GLU B 252 22.53 -13.19 11.38
CA GLU B 252 22.04 -12.04 12.13
C GLU B 252 23.14 -11.35 12.93
N GLU B 253 24.24 -12.07 13.13
CA GLU B 253 25.45 -11.54 13.80
C GLU B 253 26.66 -11.20 12.87
N ARG B 254 26.43 -10.91 11.60
CA ARG B 254 27.55 -10.67 10.65
C ARG B 254 27.77 -9.18 10.34
N LEU B 255 27.14 -8.31 11.12
CA LEU B 255 27.15 -6.88 10.84
C LEU B 255 28.59 -6.34 10.93
N GLU B 256 29.28 -6.60 12.04
CA GLU B 256 30.66 -6.11 12.20
C GLU B 256 31.63 -6.71 11.23
N GLY B 257 31.48 -7.99 10.94
CA GLY B 257 32.22 -8.60 9.83
C GLY B 257 31.97 -7.94 8.48
N THR B 258 30.71 -7.61 8.17
CA THR B 258 30.35 -6.97 6.90
C THR B 258 31.09 -5.69 6.86
N GLY B 259 30.94 -4.89 7.90
CA GLY B 259 31.65 -3.62 8.03
C GLY B 259 33.13 -3.70 7.74
N ALA B 260 33.80 -4.74 8.22
CA ALA B 260 35.21 -4.85 7.92
C ALA B 260 35.44 -5.04 6.43
N THR B 261 34.58 -5.80 5.74
CA THR B 261 34.80 -5.97 4.31
C THR B 261 34.58 -4.62 3.58
N VAL B 262 33.62 -3.86 4.07
CA VAL B 262 33.26 -2.60 3.43
C VAL B 262 34.42 -1.64 3.54
N CYS B 263 34.93 -1.43 4.75
CA CYS B 263 36.08 -0.53 4.94
C CYS B 263 37.26 -0.91 4.03
N LEU B 264 37.65 -2.18 4.04
CA LEU B 264 38.77 -2.61 3.20
C LEU B 264 38.44 -2.50 1.70
N GLY B 265 37.17 -2.64 1.32
CA GLY B 265 36.82 -2.54 -0.10
C GLY B 265 36.92 -1.10 -0.62
N ILE B 266 36.50 -0.16 0.23
CA ILE B 266 36.63 1.26 -0.04
C ILE B 266 38.10 1.68 -0.04
N GLU B 267 38.90 1.19 0.90
CA GLU B 267 40.31 1.53 0.91
C GLU B 267 41.00 1.02 -0.36
N LYS B 268 40.59 -0.13 -0.85
CA LYS B 268 41.14 -0.66 -2.08
C LYS B 268 40.51 -0.09 -3.35
N GLY B 269 39.62 0.89 -3.18
CA GLY B 269 39.12 1.68 -4.31
C GLY B 269 37.73 1.40 -4.86
N CYS B 270 36.89 0.67 -4.11
CA CYS B 270 35.49 0.48 -4.51
C CYS B 270 34.70 1.78 -4.63
N GLU B 271 33.75 1.81 -5.55
CA GLU B 271 32.88 2.96 -5.75
C GLU B 271 31.46 2.78 -5.16
N PHE B 272 30.99 1.52 -5.07
CA PHE B 272 29.69 1.13 -4.51
C PHE B 272 29.88 0.01 -3.51
N VAL B 273 29.03 -0.03 -2.49
CA VAL B 273 28.94 -1.23 -1.66
C VAL B 273 27.46 -1.61 -1.63
N ARG B 274 27.19 -2.91 -1.72
CA ARG B 274 25.84 -3.42 -1.76
C ARG B 274 25.58 -4.03 -0.42
N VAL B 275 24.66 -3.47 0.36
CA VAL B 275 24.53 -3.89 1.74
C VAL B 275 23.10 -3.91 2.25
N HIS B 276 22.89 -4.78 3.24
CA HIS B 276 21.66 -4.90 3.98
C HIS B 276 21.56 -3.84 5.08
N ASP B 277 22.65 -3.67 5.84
CA ASP B 277 22.64 -2.83 7.04
C ASP B 277 22.95 -1.39 6.66
N VAL B 278 21.96 -0.72 6.09
CA VAL B 278 22.21 0.53 5.43
C VAL B 278 22.72 1.63 6.33
N LYS B 279 22.08 1.83 7.47
CA LYS B 279 22.46 2.91 8.39
C LYS B 279 23.90 2.76 8.83
N GLU B 280 24.24 1.55 9.25
CA GLU B 280 25.53 1.29 9.82
C GLU B 280 26.63 1.45 8.75
N MET B 281 26.44 0.80 7.61
CA MET B 281 27.50 0.77 6.59
C MET B 281 27.66 2.17 6.04
N SER B 282 26.56 2.86 5.92
CA SER B 282 26.55 4.19 5.38
C SER B 282 27.39 5.13 6.26
N ARG B 283 27.32 4.97 7.58
CA ARG B 283 28.22 5.68 8.48
C ARG B 283 29.68 5.28 8.28
N MET B 284 29.97 3.99 8.28
CA MET B 284 31.35 3.52 8.11
C MET B 284 31.98 3.96 6.80
N ALA B 285 31.18 3.94 5.74
CA ALA B 285 31.63 4.33 4.41
C ALA B 285 32.02 5.80 4.44
N LYS B 286 31.21 6.56 5.15
CA LYS B 286 31.34 8.00 5.12
C LYS B 286 32.62 8.35 5.90
N MET B 287 32.95 7.52 6.91
CA MET B 287 34.18 7.76 7.69
C MET B 287 35.43 7.37 6.90
N MET B 288 35.36 6.22 6.25
CA MET B 288 36.41 5.79 5.36
C MET B 288 36.66 6.88 4.35
N ASP B 289 35.60 7.26 3.63
CA ASP B 289 35.66 8.38 2.67
C ASP B 289 36.47 9.55 3.19
N ALA B 290 36.25 9.95 4.44
CA ALA B 290 37.00 11.10 4.93
C ALA B 290 38.45 10.73 5.20
N MET B 291 38.69 9.49 5.64
CA MET B 291 40.07 9.16 5.94
C MET B 291 40.99 9.11 4.70
N ILE B 292 40.46 8.63 3.59
CA ILE B 292 41.28 8.39 2.43
C ILE B 292 41.23 9.53 1.43
N GLY B 293 40.55 10.62 1.78
CA GLY B 293 40.54 11.82 0.95
C GLY B 293 39.54 11.81 -0.21
N LYS B 294 38.52 10.96 -0.11
CA LYS B 294 37.51 10.81 -1.16
C LYS B 294 36.49 11.94 -1.11
O3 XTZ C . -27.97 6.26 2.39
C16 XTZ C . -27.23 5.33 2.74
N2 XTZ C . -27.22 4.94 4.01
C3 XTZ C . -26.34 4.64 1.77
N4 XTZ C . -26.28 4.97 0.46
C4 XTZ C . -25.45 4.28 -0.37
C15 XTZ C . -24.56 3.15 0.13
N8 XTZ C . -24.68 2.86 1.55
C2 XTZ C . -25.51 3.55 2.33
N3 XTZ C . -25.62 3.26 3.65
C1 XTZ C . -26.45 3.94 4.46
N1 XTZ C . -26.50 3.60 5.77
C5 XTZ C . -25.31 4.64 -1.83
N5 XTZ C . -26.34 4.31 -2.77
C6 XTZ C . -26.88 5.26 -3.59
C14 XTZ C . -28.26 5.18 -3.82
C13 XTZ C . -28.91 6.11 -4.63
C9 XTZ C . -28.21 7.15 -5.25
C8 XTZ C . -26.80 7.21 -5.01
C7 XTZ C . -26.15 6.28 -4.19
S1 XTZ C . -29.03 8.18 -6.18
O1 XTZ C . -28.22 9.32 -6.51
O2 XTZ C . -30.20 8.66 -5.47
N6 XTZ C . -29.52 7.48 -7.53
C10 XTZ C . -28.66 7.17 -8.54
S2 XTZ C . -29.22 6.60 -10.06
C12 XTZ C . -27.60 6.47 -10.67
C11 XTZ C . -26.72 6.88 -9.65
N7 XTZ C . -27.31 7.26 -8.46
S SO4 D . -22.26 6.48 -2.86
O1 SO4 D . -22.38 6.05 -1.46
O2 SO4 D . -23.01 7.73 -3.05
O3 SO4 D . -20.85 6.68 -3.16
O4 SO4 D . -22.83 5.55 -3.83
S SO4 E . -13.68 12.79 -4.03
O1 SO4 E . -14.82 11.89 -4.19
O2 SO4 E . -13.89 13.68 -2.89
O3 SO4 E . -12.48 11.99 -3.77
O4 SO4 E . -13.55 13.58 -5.26
S SO4 F . -0.25 8.89 10.42
O1 SO4 F . -1.11 7.71 10.53
O2 SO4 F . -0.76 10.04 11.19
O3 SO4 F . 1.03 8.52 11.02
O4 SO4 F . -0.13 9.22 9.00
S SO4 G . -10.79 22.71 10.09
O1 SO4 G . -12.21 22.45 9.88
O2 SO4 G . -10.62 23.66 11.19
O3 SO4 G . -10.10 21.46 10.41
O4 SO4 G . -10.23 23.24 8.85
N1 XHP H . 24.73 -8.87 -7.10
C2 XHP H . 25.81 -8.20 -7.10
N2 XHP H . 26.00 -7.33 -8.04
N3 XHP H . 26.77 -8.35 -6.14
C4 XHP H . 26.66 -9.24 -5.12
O4 XHP H . 27.54 -9.37 -4.27
N5 XHP H . 25.29 -10.89 -4.11
C6 XHP H . 24.10 -11.69 -4.06
C7 XHP H . 23.01 -11.54 -5.11
N8 XHP H . 23.35 -10.53 -6.11
C9 XHP H . 24.44 -9.87 -6.08
C10 XHP H . 25.45 -10.06 -5.04
C6A XHP H . 23.96 -12.56 -3.05
O2 YTZ I . 28.21 -17.03 0.48
S1 YTZ I . 26.80 -17.03 0.77
O1 YTZ I . 26.58 -16.15 1.88
C4 YTZ I . 25.99 -16.54 -0.51
C3 YTZ I . 26.34 -17.04 -1.75
C2 YTZ I . 25.62 -16.64 -2.88
C8 YTZ I . 24.93 -15.66 -0.34
C9 YTZ I . 24.21 -15.25 -1.47
C1 YTZ I . 24.56 -15.74 -2.73
N1 YTZ I . 23.87 -15.36 -3.82
N2 YTZ I . 26.34 -18.55 1.12
C5 YTZ I . 25.17 -19.19 0.77
S2 YTZ I . 24.19 -20.10 1.87
C7 YTZ I . 23.03 -20.53 0.65
C6 YTZ I . 23.47 -19.95 -0.54
N3 YTZ I . 24.64 -19.22 -0.49
S SO4 J . 21.37 -11.41 -0.74
O1 SO4 J . 20.92 -12.78 -0.46
O2 SO4 J . 21.33 -10.60 0.47
O3 SO4 J . 22.75 -11.48 -1.21
O4 SO4 J . 20.48 -10.82 -1.72
S SO4 K . 17.33 -7.03 8.80
O1 SO4 K . 18.08 -8.25 9.04
O2 SO4 K . 15.95 -7.23 9.24
O3 SO4 K . 17.93 -5.92 9.56
O4 SO4 K . 17.30 -6.70 7.36
S SO4 L . 7.99 10.03 3.01
O1 SO4 L . 7.23 9.26 4.00
O2 SO4 L . 7.22 11.16 2.49
O3 SO4 L . 9.17 10.58 3.68
O4 SO4 L . 8.25 9.17 1.84
S SO4 M . 47.82 -13.34 -1.30
O1 SO4 M . 47.39 -14.55 -0.60
O2 SO4 M . 47.58 -12.14 -0.50
O3 SO4 M . 49.27 -13.41 -1.50
O4 SO4 M . 47.13 -13.24 -2.59
S SO4 N . 22.85 9.02 10.82
O1 SO4 N . 22.40 8.83 12.20
O2 SO4 N . 23.09 10.44 10.60
O3 SO4 N . 24.12 8.31 10.65
O4 SO4 N . 21.87 8.49 9.87
#